data_1I1R
#
_entry.id   1I1R
#
_cell.length_a   103.000
_cell.length_b   123.310
_cell.length_c   76.790
_cell.angle_alpha   90.00
_cell.angle_beta   112.03
_cell.angle_gamma   90.00
#
_symmetry.space_group_name_H-M   'C 1 2 1'
#
loop_
_entity.id
_entity.type
_entity.pdbx_description
1 polymer 'INTERLEUKIN-6 RECEPTOR BETA CHAIN'
2 polymer 'VIRAL IL-6'
3 water water
#
loop_
_entity_poly.entity_id
_entity_poly.type
_entity_poly.pdbx_seq_one_letter_code
_entity_poly.pdbx_strand_id
1 'polypeptide(L)'
;ELLDPCGYISPESPVVQLHSNFTAVCVLKEKCMDYFHVNANYIVWKTNHFTIPKEQYTIINRTASSVTFTDIASLNIQLT
CNILTFGQLEQNVYGITIISGLPPEKPKNLSCIVNEGKKMRCEWDGGRETHLETNFTLKSEWATHKFADCKAKRDTPTSC
TVDYSTVYFVNIEVWVEAENALGKVTSDHINFDPVYKVKPNPPHNLSVINSEELSSILKLTWTNPSIKSVIILKYNIQYR
TKDASTWSQIPPEDTASTRSSFTVQDLKPFTEYVFRIRCMKEDGKGYWSDWSEEASGITYEDR
;
A
2 'polypeptide(L)'
;LPDAPEFEKDLLIQRLNWMLWVIDECFRDLCYRTGICKGILEPAAIFHLKLPAINDTDHCGLIGFNETSCLKKLADGFFE
FEVLFKFLTTEFGKSVINVDVMELLTKTLGWDIQEELNKLTKTHYSPPKFDRGLLGRLQGLKYWVRHFASFYVLSAMEKF
AGQAVRVLDSIPDVTPDVHDK
;
B
#
# COMPACT_ATOMS: atom_id res chain seq x y z
N LEU A 2 44.90 -23.14 -0.96
CA LEU A 2 43.51 -22.64 -0.80
C LEU A 2 43.38 -21.45 0.15
N LEU A 3 44.49 -21.01 0.76
CA LEU A 3 44.46 -19.88 1.69
C LEU A 3 43.78 -20.34 2.99
N ASP A 4 44.23 -21.45 3.59
CA ASP A 4 43.52 -21.98 4.79
C ASP A 4 44.20 -22.28 6.19
N PRO A 5 43.42 -22.12 7.30
CA PRO A 5 43.52 -22.23 8.77
C PRO A 5 44.00 -23.44 9.56
N CYS A 6 44.33 -23.16 10.82
CA CYS A 6 44.79 -24.15 11.77
C CYS A 6 43.63 -24.81 12.50
N GLY A 7 42.54 -24.08 12.65
CA GLY A 7 41.38 -24.61 13.34
C GLY A 7 40.20 -23.66 13.26
N TYR A 8 39.17 -23.86 14.08
CA TYR A 8 38.01 -22.99 14.04
C TYR A 8 37.27 -22.99 15.37
N ILE A 9 36.36 -22.02 15.53
CA ILE A 9 35.54 -21.96 16.74
C ILE A 9 34.13 -22.30 16.30
N SER A 10 33.42 -23.07 17.13
CA SER A 10 32.06 -23.44 16.82
C SER A 10 31.24 -23.13 18.06
N PRO A 11 30.01 -22.63 17.88
CA PRO A 11 29.33 -22.33 16.60
C PRO A 11 29.88 -21.03 15.95
N GLU A 12 29.89 -20.98 14.63
CA GLU A 12 30.45 -19.88 13.78
C GLU A 12 30.35 -18.40 14.10
N SER A 13 29.14 -17.85 14.16
CA SER A 13 29.01 -16.41 14.45
C SER A 13 27.65 -16.38 15.04
N PRO A 14 27.56 -16.76 16.31
CA PRO A 14 26.29 -16.81 17.00
C PRO A 14 25.66 -15.52 17.41
N VAL A 15 24.33 -15.64 17.51
CA VAL A 15 23.50 -14.60 18.02
C VAL A 15 22.77 -15.39 19.09
N VAL A 16 22.78 -14.89 20.31
CA VAL A 16 22.13 -15.59 21.41
C VAL A 16 21.19 -14.65 22.13
N GLN A 17 20.30 -15.19 22.94
CA GLN A 17 19.38 -14.35 23.67
C GLN A 17 20.04 -13.86 24.95
N LEU A 18 19.76 -12.60 25.30
CA LEU A 18 20.32 -12.04 26.52
C LEU A 18 19.94 -12.94 27.70
N HIS A 19 20.88 -13.11 28.63
CA HIS A 19 20.68 -13.92 29.83
C HIS A 19 20.73 -15.43 29.66
N SER A 20 21.12 -15.88 28.48
CA SER A 20 21.23 -17.32 28.21
C SER A 20 22.69 -17.71 28.43
N ASN A 21 23.01 -18.97 28.18
CA ASN A 21 24.37 -19.42 28.31
C ASN A 21 24.90 -19.74 26.94
N PHE A 22 26.19 -19.57 26.75
CA PHE A 22 26.80 -19.86 25.47
C PHE A 22 28.14 -20.56 25.63
N THR A 23 28.28 -21.67 24.92
CA THR A 23 29.50 -22.43 24.95
C THR A 23 30.17 -22.41 23.59
N ALA A 24 31.46 -22.06 23.60
CA ALA A 24 32.24 -22.00 22.38
C ALA A 24 33.27 -23.12 22.42
N VAL A 25 33.44 -23.79 21.30
CA VAL A 25 34.40 -24.86 21.24
C VAL A 25 35.42 -24.52 20.16
N CYS A 26 36.69 -24.55 20.52
CA CYS A 26 37.75 -24.28 19.56
C CYS A 26 38.38 -25.62 19.24
N VAL A 27 38.46 -25.99 17.97
CA VAL A 27 39.06 -27.25 17.62
C VAL A 27 40.21 -27.04 16.65
N LEU A 28 41.32 -27.71 16.94
CA LEU A 28 42.52 -27.62 16.11
C LEU A 28 42.55 -28.77 15.11
N LYS A 29 42.91 -28.47 13.87
CA LYS A 29 43.00 -29.52 12.86
C LYS A 29 44.22 -30.35 13.19
N GLU A 30 44.13 -31.64 12.87
CA GLU A 30 45.22 -32.57 13.15
C GLU A 30 46.52 -32.13 12.50
N LYS A 31 46.46 -31.72 11.24
CA LYS A 31 47.65 -31.30 10.53
C LYS A 31 48.33 -30.15 11.26
N CYS A 32 47.55 -29.19 11.73
CA CYS A 32 48.10 -28.06 12.46
C CYS A 32 48.73 -28.52 13.76
N MET A 33 48.06 -29.43 14.45
CA MET A 33 48.58 -29.92 15.71
C MET A 33 49.95 -30.58 15.50
N ASP A 34 50.09 -31.32 14.41
CA ASP A 34 51.36 -31.97 14.11
C ASP A 34 52.44 -30.93 13.85
N TYR A 35 52.12 -29.97 12.99
CA TYR A 35 53.06 -28.92 12.62
C TYR A 35 53.65 -28.13 13.78
N PHE A 36 52.79 -27.62 14.66
CA PHE A 36 53.25 -26.84 15.81
C PHE A 36 53.52 -27.66 17.05
N HIS A 37 53.17 -28.94 17.02
CA HIS A 37 53.38 -29.81 18.17
C HIS A 37 52.57 -29.30 19.33
N VAL A 38 51.29 -29.12 19.12
CA VAL A 38 50.41 -28.65 20.17
C VAL A 38 49.14 -29.47 20.16
N ASN A 39 48.29 -29.20 21.14
CA ASN A 39 47.00 -29.85 21.26
C ASN A 39 46.12 -28.91 22.07
N ALA A 40 44.88 -29.31 22.32
CA ALA A 40 43.92 -28.52 23.07
C ALA A 40 44.53 -27.80 24.27
N ASN A 41 45.42 -28.48 24.99
CA ASN A 41 46.08 -27.91 26.16
C ASN A 41 46.85 -26.65 25.82
N TYR A 42 47.14 -26.45 24.55
CA TYR A 42 47.90 -25.29 24.11
C TYR A 42 47.02 -24.12 23.71
N ILE A 43 45.70 -24.31 23.78
CA ILE A 43 44.75 -23.26 23.42
C ILE A 43 44.60 -22.22 24.52
N VAL A 44 44.67 -20.95 24.15
CA VAL A 44 44.44 -19.90 25.12
C VAL A 44 43.26 -19.13 24.54
N TRP A 45 42.38 -18.70 25.41
CA TRP A 45 41.19 -17.97 25.00
C TRP A 45 41.27 -16.51 25.43
N LYS A 46 40.86 -15.61 24.54
CA LYS A 46 40.86 -14.18 24.83
C LYS A 46 39.53 -13.57 24.45
N THR A 47 39.12 -12.54 25.18
CA THR A 47 37.89 -11.83 24.85
C THR A 47 38.24 -10.37 24.99
N ASN A 48 37.90 -9.59 23.98
CA ASN A 48 38.15 -8.17 24.00
C ASN A 48 39.57 -7.90 24.51
N HIS A 49 40.53 -8.60 23.93
CA HIS A 49 41.96 -8.47 24.27
C HIS A 49 42.41 -8.88 25.67
N PHE A 50 41.52 -9.48 26.46
CA PHE A 50 41.91 -9.95 27.79
C PHE A 50 41.95 -11.46 27.80
N THR A 51 43.06 -12.01 28.25
CA THR A 51 43.22 -13.45 28.30
C THR A 51 42.27 -14.06 29.31
N ILE A 52 41.47 -15.01 28.85
CA ILE A 52 40.54 -15.69 29.73
C ILE A 52 41.37 -16.64 30.59
N PRO A 53 41.20 -16.56 31.90
CA PRO A 53 41.99 -17.45 32.77
C PRO A 53 41.75 -18.93 32.53
N LYS A 54 42.87 -19.61 32.28
CA LYS A 54 42.97 -21.02 32.03
C LYS A 54 42.02 -21.93 32.83
N GLU A 55 41.71 -21.54 34.07
CA GLU A 55 40.83 -22.36 34.91
C GLU A 55 39.39 -22.42 34.41
N GLN A 56 39.01 -21.51 33.53
CA GLN A 56 37.65 -21.52 33.02
C GLN A 56 37.57 -22.34 31.74
N TYR A 57 38.71 -22.87 31.30
CA TYR A 57 38.74 -23.69 30.09
C TYR A 57 38.34 -25.12 30.41
N THR A 58 37.85 -25.82 29.41
CA THR A 58 37.54 -27.21 29.61
C THR A 58 37.98 -27.93 28.33
N ILE A 59 38.98 -28.79 28.50
CA ILE A 59 39.48 -29.58 27.38
C ILE A 59 38.49 -30.70 27.19
N ILE A 60 37.75 -30.71 26.09
CA ILE A 60 36.77 -31.76 25.87
C ILE A 60 37.40 -33.02 25.28
N ASN A 61 38.41 -32.86 24.45
CA ASN A 61 39.17 -33.97 23.89
C ASN A 61 40.52 -33.36 23.51
N ARG A 62 41.50 -34.16 23.11
CA ARG A 62 42.82 -33.56 22.81
C ARG A 62 42.81 -32.59 21.65
N THR A 63 41.71 -32.60 20.92
CA THR A 63 41.56 -31.75 19.75
C THR A 63 40.84 -30.44 20.07
N ALA A 64 40.11 -30.42 21.20
CA ALA A 64 39.32 -29.25 21.50
C ALA A 64 39.22 -28.68 22.92
N SER A 65 39.15 -27.36 22.97
CA SER A 65 39.01 -26.62 24.21
C SER A 65 37.71 -25.83 24.12
N SER A 66 37.11 -25.53 25.25
CA SER A 66 35.87 -24.77 25.22
C SER A 66 35.74 -23.87 26.43
N VAL A 67 34.97 -22.79 26.26
CA VAL A 67 34.69 -21.86 27.35
C VAL A 67 33.18 -21.70 27.38
N THR A 68 32.64 -21.40 28.55
CA THR A 68 31.22 -21.24 28.68
C THR A 68 30.89 -19.92 29.36
N PHE A 69 30.15 -19.06 28.66
CA PHE A 69 29.73 -17.79 29.24
C PHE A 69 28.33 -18.09 29.74
N THR A 70 27.98 -17.61 30.93
CA THR A 70 26.63 -17.86 31.42
C THR A 70 25.96 -16.54 31.71
N ASP A 71 24.64 -16.51 31.53
CA ASP A 71 23.84 -15.31 31.77
C ASP A 71 24.40 -14.11 31.02
N ILE A 72 24.69 -14.30 29.74
CA ILE A 72 25.24 -13.25 28.90
C ILE A 72 24.50 -11.91 29.04
N ALA A 73 25.26 -10.86 29.38
CA ALA A 73 24.68 -9.54 29.55
C ALA A 73 25.32 -8.50 28.67
N SER A 74 26.36 -8.91 27.94
CA SER A 74 27.02 -8.00 27.04
C SER A 74 26.41 -8.22 25.66
N LEU A 75 26.10 -7.13 24.98
CA LEU A 75 25.49 -7.19 23.67
C LEU A 75 26.46 -7.73 22.62
N ASN A 76 27.75 -7.52 22.85
CA ASN A 76 28.75 -7.92 21.89
C ASN A 76 30.03 -8.44 22.56
N ILE A 77 30.40 -9.69 22.26
CA ILE A 77 31.60 -10.32 22.80
C ILE A 77 32.53 -10.76 21.68
N GLN A 78 33.78 -10.30 21.68
CA GLN A 78 34.72 -10.76 20.66
C GLN A 78 35.51 -11.88 21.34
N LEU A 79 35.35 -13.11 20.86
CA LEU A 79 36.04 -14.28 21.42
C LEU A 79 37.13 -14.72 20.45
N THR A 80 38.30 -14.99 20.98
CA THR A 80 39.39 -15.39 20.12
C THR A 80 40.07 -16.66 20.65
N CYS A 81 40.48 -17.53 19.74
CA CYS A 81 41.15 -18.79 20.08
C CYS A 81 42.59 -18.74 19.56
N ASN A 82 43.56 -18.98 20.43
CA ASN A 82 44.97 -18.95 20.04
C ASN A 82 45.73 -20.16 20.55
N ILE A 83 46.85 -20.51 19.92
CA ILE A 83 47.64 -21.60 20.47
C ILE A 83 48.94 -21.03 20.97
N LEU A 84 49.41 -21.57 22.08
CA LEU A 84 50.66 -21.13 22.66
C LEU A 84 51.73 -22.04 22.11
N THR A 85 52.17 -21.76 20.89
CA THR A 85 53.19 -22.55 20.23
C THR A 85 54.53 -22.41 20.94
N PHE A 86 55.33 -23.47 20.91
CA PHE A 86 56.62 -23.48 21.58
C PHE A 86 57.46 -22.22 21.33
N GLY A 87 58.14 -21.79 22.40
CA GLY A 87 58.97 -20.60 22.33
C GLY A 87 58.19 -19.42 22.87
N GLN A 88 57.07 -19.71 23.53
CA GLN A 88 56.18 -18.69 24.08
C GLN A 88 55.71 -17.78 22.96
N LEU A 89 55.47 -18.40 21.81
CA LEU A 89 54.99 -17.69 20.66
C LEU A 89 53.49 -17.92 20.65
N GLU A 90 52.72 -16.84 20.66
CA GLU A 90 51.27 -16.96 20.65
C GLU A 90 50.79 -16.69 19.22
N GLN A 91 49.96 -17.58 18.68
CA GLN A 91 49.43 -17.42 17.33
C GLN A 91 47.91 -17.57 17.29
N ASN A 92 47.26 -16.77 16.47
CA ASN A 92 45.80 -16.81 16.37
C ASN A 92 45.23 -17.93 15.50
N VAL A 93 44.32 -18.70 16.10
CA VAL A 93 43.67 -19.81 15.43
C VAL A 93 42.38 -19.36 14.75
N TYR A 94 41.46 -18.84 15.55
CA TYR A 94 40.19 -18.40 15.04
C TYR A 94 39.56 -17.36 15.95
N GLY A 95 38.43 -16.82 15.50
CA GLY A 95 37.72 -15.83 16.29
C GLY A 95 36.27 -15.73 15.86
N ILE A 96 35.42 -15.29 16.76
CA ILE A 96 34.01 -15.10 16.47
C ILE A 96 33.52 -13.92 17.30
N THR A 97 32.42 -13.34 16.86
CA THR A 97 31.82 -12.26 17.58
C THR A 97 30.52 -12.86 18.09
N ILE A 98 30.27 -12.73 19.39
CA ILE A 98 29.04 -13.25 19.96
C ILE A 98 28.10 -12.08 20.10
N ILE A 99 26.96 -12.16 19.46
CA ILE A 99 26.02 -11.08 19.56
C ILE A 99 24.81 -11.59 20.31
N SER A 100 24.23 -10.72 21.13
CA SER A 100 23.08 -11.10 21.90
C SER A 100 22.00 -10.05 21.84
N GLY A 101 20.79 -10.44 22.16
CA GLY A 101 19.65 -9.56 22.13
C GLY A 101 18.40 -10.34 22.44
N LEU A 102 17.28 -9.94 21.85
CA LEU A 102 16.00 -10.62 22.07
C LEU A 102 15.22 -10.87 20.78
N PRO A 103 14.35 -11.89 20.76
CA PRO A 103 13.60 -12.12 19.53
C PRO A 103 12.54 -11.02 19.48
N PRO A 104 12.06 -10.68 18.28
CA PRO A 104 11.04 -9.63 18.16
C PRO A 104 9.70 -10.01 18.73
N GLU A 105 9.04 -9.01 19.31
CA GLU A 105 7.72 -9.20 19.87
C GLU A 105 6.76 -9.11 18.68
N LYS A 106 5.60 -9.71 18.81
CA LYS A 106 4.61 -9.71 17.75
C LYS A 106 4.04 -8.31 17.53
N PRO A 107 4.25 -7.72 16.34
CA PRO A 107 3.71 -6.38 16.08
C PRO A 107 2.22 -6.35 16.36
N LYS A 108 1.75 -5.31 17.04
CA LYS A 108 0.33 -5.22 17.37
C LYS A 108 -0.29 -3.88 17.02
N ASN A 109 -1.62 -3.82 17.04
CA ASN A 109 -2.37 -2.62 16.71
C ASN A 109 -2.05 -2.15 15.30
N LEU A 110 -2.00 -3.08 14.37
CA LEU A 110 -1.72 -2.76 12.98
C LEU A 110 -2.93 -2.02 12.43
N SER A 111 -2.70 -0.86 11.83
CA SER A 111 -3.78 -0.11 11.23
C SER A 111 -3.25 0.58 10.00
N CYS A 112 -4.12 0.78 9.01
CA CYS A 112 -3.69 1.43 7.79
C CYS A 112 -4.57 2.62 7.47
N ILE A 113 -4.06 3.47 6.60
CA ILE A 113 -4.75 4.68 6.22
C ILE A 113 -4.29 5.10 4.83
N VAL A 114 -5.23 5.55 4.01
CA VAL A 114 -4.91 6.01 2.68
C VAL A 114 -5.14 7.51 2.67
N ASN A 115 -4.07 8.28 2.88
CA ASN A 115 -4.19 9.74 2.85
C ASN A 115 -4.32 10.09 1.38
N GLU A 116 -5.39 10.79 1.03
CA GLU A 116 -5.63 11.21 -0.34
C GLU A 116 -4.36 11.72 -1.00
N GLY A 117 -4.05 11.21 -2.19
CA GLY A 117 -2.85 11.67 -2.87
C GLY A 117 -1.59 10.89 -2.53
N LYS A 118 -1.67 10.06 -1.49
CA LYS A 118 -0.53 9.24 -1.09
C LYS A 118 -0.95 7.79 -1.18
N LYS A 119 0.03 6.89 -1.17
CA LYS A 119 -0.28 5.47 -1.24
C LYS A 119 -0.55 4.99 0.17
N MET A 120 -1.16 3.81 0.30
CA MET A 120 -1.49 3.29 1.62
C MET A 120 -0.30 3.23 2.57
N ARG A 121 -0.57 3.59 3.82
CA ARG A 121 0.45 3.58 4.85
C ARG A 121 -0.13 2.83 6.04
N CYS A 122 0.66 1.94 6.61
CA CYS A 122 0.19 1.18 7.76
C CYS A 122 1.15 1.42 8.92
N GLU A 123 0.58 1.43 10.12
CA GLU A 123 1.35 1.69 11.33
C GLU A 123 1.11 0.56 12.31
N TRP A 124 2.11 0.28 13.14
CA TRP A 124 1.97 -0.77 14.14
C TRP A 124 2.87 -0.46 15.32
N ASP A 125 2.57 -1.04 16.46
CA ASP A 125 3.40 -0.83 17.62
C ASP A 125 4.47 -1.90 17.59
N GLY A 126 5.71 -1.47 17.50
CA GLY A 126 6.80 -2.43 17.54
C GLY A 126 6.84 -2.62 19.04
N GLY A 127 7.28 -3.77 19.52
CA GLY A 127 7.29 -3.95 20.96
C GLY A 127 8.61 -3.62 21.62
N ARG A 128 8.96 -4.45 22.59
CA ARG A 128 10.19 -4.30 23.36
C ARG A 128 11.46 -4.20 22.53
N GLU A 129 12.39 -3.39 23.01
CA GLU A 129 13.67 -3.23 22.32
C GLU A 129 14.32 -4.62 22.28
N THR A 130 14.90 -4.97 21.14
CA THR A 130 15.53 -6.28 20.95
C THR A 130 17.05 -6.18 20.89
N HIS A 131 17.56 -4.95 20.73
CA HIS A 131 19.00 -4.70 20.65
C HIS A 131 19.60 -5.31 19.39
N LEU A 132 18.77 -5.85 18.52
CA LEU A 132 19.26 -6.45 17.29
C LEU A 132 18.68 -5.71 16.08
N GLU A 133 19.38 -5.78 14.96
CA GLU A 133 18.89 -5.13 13.74
C GLU A 133 17.64 -5.91 13.40
N THR A 134 16.49 -5.25 13.48
CA THR A 134 15.21 -5.91 13.19
C THR A 134 14.49 -5.33 11.97
N ASN A 135 14.10 -6.23 11.06
CA ASN A 135 13.40 -5.84 9.85
C ASN A 135 11.90 -5.93 10.04
N PHE A 136 11.19 -4.98 9.46
CA PHE A 136 9.74 -4.98 9.53
C PHE A 136 9.24 -4.97 8.10
N THR A 137 8.37 -5.90 7.78
CA THR A 137 7.87 -5.95 6.42
C THR A 137 6.36 -6.03 6.37
N LEU A 138 5.77 -5.05 5.70
CA LEU A 138 4.32 -4.99 5.55
C LEU A 138 3.97 -5.87 4.36
N LYS A 139 3.11 -6.83 4.58
CA LYS A 139 2.69 -7.74 3.52
C LYS A 139 1.25 -7.40 3.13
N SER A 140 0.94 -7.46 1.85
CA SER A 140 -0.41 -7.16 1.41
C SER A 140 -0.75 -7.93 0.16
N GLU A 141 -1.96 -8.47 0.13
CA GLU A 141 -2.38 -9.24 -1.03
C GLU A 141 -3.89 -9.38 -1.20
N TRP A 142 -4.32 -9.44 -2.45
CA TRP A 142 -5.72 -9.68 -2.75
C TRP A 142 -5.70 -11.20 -2.77
N ALA A 143 -6.87 -11.82 -2.77
CA ALA A 143 -6.94 -13.26 -2.80
C ALA A 143 -6.30 -13.82 -4.06
N THR A 144 -6.14 -12.98 -5.08
CA THR A 144 -5.59 -13.42 -6.35
C THR A 144 -4.34 -12.71 -6.85
N HIS A 145 -3.67 -11.99 -5.97
CA HIS A 145 -2.47 -11.26 -6.40
C HIS A 145 -1.73 -10.69 -5.21
N LYS A 146 -0.41 -10.87 -5.20
CA LYS A 146 0.42 -10.37 -4.11
C LYS A 146 1.12 -9.07 -4.49
N PHE A 147 1.04 -8.09 -3.62
CA PHE A 147 1.68 -6.82 -3.89
C PHE A 147 3.10 -6.83 -3.35
N ALA A 148 3.89 -5.89 -3.83
CA ALA A 148 5.27 -5.76 -3.41
C ALA A 148 5.32 -5.63 -1.89
N ASP A 149 6.25 -6.36 -1.27
CA ASP A 149 6.40 -6.25 0.18
C ASP A 149 6.91 -4.82 0.39
N CYS A 150 6.52 -4.20 1.49
CA CYS A 150 6.98 -2.86 1.81
C CYS A 150 7.91 -3.03 3.01
N LYS A 151 9.18 -2.73 2.83
CA LYS A 151 10.14 -2.89 3.93
C LYS A 151 10.30 -1.57 4.66
N ALA A 152 10.00 -1.57 5.96
CA ALA A 152 10.11 -0.34 6.75
C ALA A 152 11.54 0.23 6.72
N LYS A 153 11.64 1.54 6.89
CA LYS A 153 12.92 2.25 6.91
C LYS A 153 13.52 2.20 8.32
N ARG A 154 14.85 2.19 8.39
CA ARG A 154 15.54 2.15 9.68
C ARG A 154 15.01 3.24 10.60
N ASP A 155 14.85 4.44 10.07
CA ASP A 155 14.37 5.57 10.84
C ASP A 155 12.94 5.37 11.34
N THR A 156 12.07 4.94 10.43
CA THR A 156 10.67 4.71 10.75
C THR A 156 10.33 3.22 10.70
N PRO A 157 10.71 2.47 11.75
CA PRO A 157 10.48 1.03 11.87
C PRO A 157 9.04 0.60 12.17
N THR A 158 8.21 1.55 12.58
CA THR A 158 6.82 1.22 12.93
C THR A 158 5.82 1.60 11.85
N SER A 159 6.31 1.97 10.67
CA SER A 159 5.41 2.39 9.62
C SER A 159 5.92 2.04 8.24
N CYS A 160 5.02 1.81 7.30
CA CYS A 160 5.44 1.55 5.94
C CYS A 160 4.44 2.17 5.01
N THR A 161 4.92 2.57 3.85
CA THR A 161 4.08 3.17 2.86
C THR A 161 4.35 2.37 1.59
N VAL A 162 3.35 1.61 1.19
CA VAL A 162 3.47 0.77 0.00
C VAL A 162 3.86 1.57 -1.24
N ASP A 163 4.35 0.89 -2.26
CA ASP A 163 4.76 1.56 -3.47
C ASP A 163 3.72 1.45 -4.58
N TYR A 164 2.60 0.80 -4.28
CA TYR A 164 1.54 0.63 -5.26
C TYR A 164 0.32 1.48 -4.92
N SER A 165 -0.36 1.98 -5.95
CA SER A 165 -1.53 2.80 -5.74
C SER A 165 -2.72 2.00 -5.23
N THR A 166 -3.52 2.68 -4.41
CA THR A 166 -4.70 2.10 -3.81
C THR A 166 -5.76 1.73 -4.84
N VAL A 167 -6.37 0.56 -4.65
CA VAL A 167 -7.42 0.11 -5.53
C VAL A 167 -8.62 -0.11 -4.64
N TYR A 168 -9.56 0.83 -4.68
CA TYR A 168 -10.77 0.77 -3.86
C TYR A 168 -11.74 -0.31 -4.34
N PHE A 169 -12.61 -0.72 -3.44
CA PHE A 169 -13.64 -1.70 -3.71
C PHE A 169 -13.16 -3.13 -3.86
N VAL A 170 -11.93 -3.39 -3.42
CA VAL A 170 -11.36 -4.75 -3.46
C VAL A 170 -10.78 -5.02 -2.09
N ASN A 171 -11.16 -6.13 -1.48
CA ASN A 171 -10.61 -6.45 -0.16
C ASN A 171 -9.13 -6.81 -0.25
N ILE A 172 -8.36 -6.26 0.68
CA ILE A 172 -6.94 -6.51 0.71
C ILE A 172 -6.55 -7.06 2.07
N GLU A 173 -5.69 -8.07 2.07
CA GLU A 173 -5.21 -8.74 3.27
C GLU A 173 -3.87 -8.13 3.65
N VAL A 174 -3.76 -7.61 4.86
CA VAL A 174 -2.50 -6.98 5.28
C VAL A 174 -1.98 -7.47 6.63
N TRP A 175 -0.66 -7.53 6.76
CA TRP A 175 -0.05 -7.96 8.02
C TRP A 175 1.42 -7.55 8.07
N VAL A 176 2.00 -7.54 9.28
CA VAL A 176 3.40 -7.16 9.38
C VAL A 176 4.25 -8.32 9.86
N GLU A 177 5.44 -8.41 9.27
CA GLU A 177 6.38 -9.47 9.59
C GLU A 177 7.60 -8.85 10.26
N ALA A 178 7.84 -9.23 11.51
CA ALA A 178 8.99 -8.71 12.26
C ALA A 178 10.06 -9.80 12.34
N GLU A 179 11.29 -9.45 11.98
CA GLU A 179 12.34 -10.44 12.03
C GLU A 179 13.74 -9.94 12.36
N ASN A 180 14.43 -10.71 13.17
CA ASN A 180 15.81 -10.42 13.51
C ASN A 180 16.47 -11.78 13.73
N ALA A 181 17.80 -11.80 13.82
CA ALA A 181 18.55 -13.03 13.98
C ALA A 181 17.98 -14.07 14.93
N LEU A 182 17.23 -13.65 15.93
CA LEU A 182 16.67 -14.60 16.90
C LEU A 182 15.24 -15.01 16.64
N GLY A 183 14.60 -14.44 15.62
CA GLY A 183 13.24 -14.84 15.36
C GLY A 183 12.46 -14.08 14.31
N LYS A 184 11.43 -14.74 13.80
CA LYS A 184 10.56 -14.17 12.81
C LYS A 184 9.16 -14.31 13.36
N VAL A 185 8.35 -13.27 13.22
CA VAL A 185 7.01 -13.38 13.72
C VAL A 185 6.08 -12.45 12.94
N THR A 186 4.81 -12.80 12.89
CA THR A 186 3.82 -12.04 12.15
C THR A 186 2.73 -11.50 13.06
N SER A 187 2.24 -10.31 12.72
CA SER A 187 1.15 -9.72 13.48
C SER A 187 -0.08 -10.49 13.01
N ASP A 188 -1.22 -10.25 13.64
CA ASP A 188 -2.43 -10.89 13.18
C ASP A 188 -2.69 -10.23 11.84
N HIS A 189 -3.37 -10.95 10.94
CA HIS A 189 -3.69 -10.40 9.64
C HIS A 189 -4.95 -9.55 9.73
N ILE A 190 -4.98 -8.43 9.02
CA ILE A 190 -6.21 -7.63 9.01
C ILE A 190 -6.68 -7.65 7.57
N ASN A 191 -7.97 -7.43 7.38
CA ASN A 191 -8.56 -7.48 6.05
C ASN A 191 -9.53 -6.33 5.89
N PHE A 192 -9.43 -5.59 4.80
CA PHE A 192 -10.32 -4.46 4.61
C PHE A 192 -10.37 -3.93 3.18
N ASP A 193 -11.40 -3.13 2.92
CA ASP A 193 -11.57 -2.48 1.62
C ASP A 193 -10.94 -1.11 1.89
N PRO A 194 -9.86 -0.77 1.17
CA PRO A 194 -9.17 0.51 1.34
C PRO A 194 -10.13 1.70 1.37
N VAL A 195 -11.28 1.52 0.72
CA VAL A 195 -12.27 2.59 0.65
C VAL A 195 -12.75 3.05 2.03
N TYR A 196 -12.61 2.18 3.03
CA TYR A 196 -13.03 2.52 4.40
C TYR A 196 -11.88 3.03 5.24
N LYS A 197 -10.75 3.34 4.61
CA LYS A 197 -9.58 3.82 5.35
C LYS A 197 -9.06 5.11 4.75
N VAL A 198 -9.93 5.86 4.09
CA VAL A 198 -9.51 7.10 3.46
C VAL A 198 -9.49 8.28 4.41
N LYS A 199 -8.49 9.13 4.22
CA LYS A 199 -8.30 10.36 4.99
C LYS A 199 -8.28 11.39 3.88
N PRO A 200 -9.46 11.92 3.51
CA PRO A 200 -9.53 12.92 2.44
C PRO A 200 -8.74 14.17 2.79
N ASN A 201 -8.43 14.96 1.76
CA ASN A 201 -7.75 16.22 1.99
C ASN A 201 -8.90 17.08 2.50
N PRO A 202 -8.61 18.20 3.15
CA PRO A 202 -9.78 18.96 3.60
C PRO A 202 -10.39 19.78 2.48
N PRO A 203 -11.69 20.12 2.59
CA PRO A 203 -12.31 20.93 1.54
C PRO A 203 -11.48 22.20 1.42
N HIS A 204 -11.33 22.74 0.23
CA HIS A 204 -10.53 23.95 0.07
C HIS A 204 -11.32 25.01 -0.70
N ASN A 205 -10.75 26.20 -0.87
CA ASN A 205 -11.46 27.28 -1.57
C ASN A 205 -12.69 27.68 -0.78
N LEU A 206 -12.58 27.68 0.54
CA LEU A 206 -13.72 28.05 1.37
C LEU A 206 -14.00 29.53 1.23
N SER A 207 -15.25 29.88 0.96
CA SER A 207 -15.65 31.27 0.80
C SER A 207 -16.93 31.57 1.57
N VAL A 208 -16.97 32.75 2.19
CA VAL A 208 -18.15 33.15 2.93
C VAL A 208 -18.78 34.27 2.12
N ILE A 209 -20.05 34.08 1.74
CA ILE A 209 -20.76 35.04 0.92
C ILE A 209 -22.12 35.40 1.51
N ASN A 210 -22.45 36.69 1.51
CA ASN A 210 -23.75 37.11 1.99
C ASN A 210 -24.69 36.82 0.82
N SER A 211 -25.33 35.66 0.86
CA SER A 211 -26.24 35.26 -0.22
C SER A 211 -27.61 35.89 -0.06
N GLU A 212 -28.31 35.53 1.02
CA GLU A 212 -29.64 36.09 1.28
C GLU A 212 -29.53 37.54 1.71
N GLU A 213 -30.63 38.27 1.54
CA GLU A 213 -30.68 39.68 1.87
C GLU A 213 -31.12 39.88 3.34
N LEU A 214 -30.69 38.97 4.20
CA LEU A 214 -31.01 39.05 5.63
C LEU A 214 -29.71 39.36 6.36
N SER A 215 -29.81 39.60 7.66
CA SER A 215 -28.63 39.92 8.47
C SER A 215 -28.21 38.75 9.36
N SER A 216 -28.95 37.65 9.28
CA SER A 216 -28.67 36.47 10.09
C SER A 216 -28.22 35.29 9.24
N ILE A 217 -27.72 35.58 8.05
CA ILE A 217 -27.30 34.53 7.13
C ILE A 217 -25.96 34.72 6.44
N LEU A 218 -25.18 33.66 6.42
CA LEU A 218 -23.90 33.65 5.73
C LEU A 218 -23.87 32.35 4.94
N LYS A 219 -23.45 32.44 3.69
CA LYS A 219 -23.41 31.26 2.85
C LYS A 219 -21.98 30.79 2.68
N LEU A 220 -21.75 29.53 3.00
CA LEU A 220 -20.44 28.93 2.88
C LEU A 220 -20.33 28.18 1.57
N THR A 221 -19.24 28.38 0.86
CA THR A 221 -19.03 27.63 -0.38
C THR A 221 -17.62 27.09 -0.37
N TRP A 222 -17.42 25.98 -1.05
CA TRP A 222 -16.12 25.35 -1.06
C TRP A 222 -15.98 24.31 -2.16
N THR A 223 -14.75 23.87 -2.36
CA THR A 223 -14.44 22.85 -3.33
C THR A 223 -14.08 21.56 -2.59
N ASN A 224 -14.83 20.50 -2.88
CA ASN A 224 -14.58 19.22 -2.25
C ASN A 224 -13.28 18.65 -2.79
N PRO A 225 -12.66 17.73 -2.04
CA PRO A 225 -11.41 17.11 -2.48
C PRO A 225 -11.72 16.12 -3.58
N SER A 226 -10.80 15.93 -4.52
CA SER A 226 -11.01 15.02 -5.64
C SER A 226 -11.52 13.62 -5.27
N ILE A 227 -11.17 13.16 -4.07
CA ILE A 227 -11.57 11.82 -3.62
C ILE A 227 -13.09 11.63 -3.62
N LYS A 228 -13.82 12.70 -3.91
CA LYS A 228 -15.29 12.67 -3.96
C LYS A 228 -15.72 11.74 -5.11
N SER A 229 -14.75 11.44 -5.97
CA SER A 229 -14.98 10.57 -7.11
C SER A 229 -15.10 9.12 -6.65
N VAL A 230 -14.64 8.86 -5.43
CA VAL A 230 -14.65 7.51 -4.86
C VAL A 230 -15.62 7.30 -3.70
N ILE A 231 -15.76 8.30 -2.84
CA ILE A 231 -16.64 8.19 -1.69
C ILE A 231 -17.66 9.32 -1.59
N ILE A 232 -18.75 9.07 -0.87
CA ILE A 232 -19.75 10.09 -0.65
C ILE A 232 -19.26 10.76 0.63
N LEU A 233 -19.15 12.09 0.59
CA LEU A 233 -18.67 12.85 1.72
C LEU A 233 -19.69 13.28 2.76
N LYS A 234 -19.18 13.42 3.97
CA LYS A 234 -19.93 13.85 5.14
C LYS A 234 -19.07 14.99 5.64
N TYR A 235 -19.67 15.96 6.33
CA TYR A 235 -18.87 17.09 6.80
C TYR A 235 -19.14 17.49 8.23
N ASN A 236 -18.25 18.31 8.75
CA ASN A 236 -18.35 18.90 10.07
C ASN A 236 -18.07 20.35 9.76
N ILE A 237 -19.07 21.20 9.93
CA ILE A 237 -18.87 22.62 9.67
C ILE A 237 -18.81 23.33 11.00
N GLN A 238 -17.72 24.03 11.24
CA GLN A 238 -17.62 24.76 12.48
C GLN A 238 -17.60 26.25 12.23
N TYR A 239 -18.14 26.98 13.18
CA TYR A 239 -18.21 28.41 13.06
C TYR A 239 -18.27 29.06 14.42
N ARG A 240 -17.78 30.29 14.48
CA ARG A 240 -17.77 31.04 15.71
C ARG A 240 -17.64 32.49 15.31
N THR A 241 -17.90 33.38 16.26
CA THR A 241 -17.78 34.79 15.98
C THR A 241 -16.28 35.06 16.07
N LYS A 242 -15.82 36.07 15.33
CA LYS A 242 -14.42 36.44 15.30
C LYS A 242 -13.80 36.60 16.68
N ASP A 243 -14.62 36.84 17.68
CA ASP A 243 -14.09 37.03 19.01
C ASP A 243 -14.33 35.88 19.96
N ALA A 244 -15.23 34.97 19.59
CA ALA A 244 -15.53 33.82 20.42
C ALA A 244 -14.24 33.00 20.65
N SER A 245 -14.20 32.26 21.75
CA SER A 245 -13.04 31.45 22.10
C SER A 245 -13.20 29.99 21.69
N THR A 246 -14.44 29.54 21.56
CA THR A 246 -14.72 28.15 21.18
C THR A 246 -15.51 28.08 19.87
N TRP A 247 -15.46 26.92 19.21
CA TRP A 247 -16.20 26.75 17.96
C TRP A 247 -17.56 26.14 18.22
N SER A 248 -18.53 26.54 17.41
CA SER A 248 -19.87 25.97 17.49
C SER A 248 -19.82 25.06 16.28
N GLN A 249 -20.85 24.27 16.06
CA GLN A 249 -20.84 23.37 14.94
C GLN A 249 -22.22 23.13 14.38
N ILE A 250 -22.33 23.07 13.06
CA ILE A 250 -23.60 22.81 12.43
C ILE A 250 -23.93 21.37 12.80
N PRO A 251 -25.23 21.04 13.00
CA PRO A 251 -25.58 19.67 13.37
C PRO A 251 -25.16 18.73 12.24
N PRO A 252 -24.31 17.74 12.56
CA PRO A 252 -23.83 16.80 11.52
C PRO A 252 -24.89 16.28 10.55
N GLU A 253 -26.10 16.01 11.03
CA GLU A 253 -27.17 15.50 10.18
C GLU A 253 -27.51 16.40 9.00
N ASP A 254 -27.32 17.71 9.18
CA ASP A 254 -27.62 18.67 8.12
C ASP A 254 -26.55 18.71 7.03
N THR A 255 -25.38 18.18 7.35
CA THR A 255 -24.26 18.13 6.40
C THR A 255 -23.79 16.67 6.27
N ALA A 256 -24.73 15.75 6.15
CA ALA A 256 -24.40 14.32 6.08
C ALA A 256 -24.19 13.69 4.69
N SER A 257 -24.16 14.50 3.63
CA SER A 257 -23.94 13.95 2.30
C SER A 257 -23.24 14.99 1.42
N THR A 258 -22.56 14.54 0.38
CA THR A 258 -21.82 15.44 -0.49
C THR A 258 -22.55 16.74 -0.86
N ARG A 259 -21.82 17.84 -0.74
CA ARG A 259 -22.33 19.18 -1.05
C ARG A 259 -21.17 20.16 -1.16
N SER A 260 -21.41 21.31 -1.78
CA SER A 260 -20.37 22.31 -1.94
C SER A 260 -20.77 23.65 -1.38
N SER A 261 -21.83 23.65 -0.58
CA SER A 261 -22.29 24.90 -0.01
C SER A 261 -23.22 24.64 1.16
N PHE A 262 -23.37 25.66 1.98
CA PHE A 262 -24.24 25.56 3.13
C PHE A 262 -24.56 26.97 3.59
N THR A 263 -25.82 27.18 3.92
CA THR A 263 -26.26 28.48 4.39
C THR A 263 -26.42 28.39 5.91
N VAL A 264 -25.60 29.15 6.62
CA VAL A 264 -25.66 29.16 8.08
C VAL A 264 -26.68 30.24 8.47
N GLN A 265 -27.59 29.89 9.35
CA GLN A 265 -28.62 30.83 9.76
C GLN A 265 -28.56 31.23 11.22
N ASP A 266 -29.43 32.17 11.61
CA ASP A 266 -29.51 32.65 12.98
C ASP A 266 -28.20 33.27 13.46
N LEU A 267 -27.51 33.99 12.58
CA LEU A 267 -26.27 34.63 12.96
C LEU A 267 -26.59 36.06 13.38
N LYS A 268 -25.82 36.59 14.33
CA LYS A 268 -26.07 37.94 14.79
C LYS A 268 -25.71 38.97 13.72
N PRO A 269 -26.47 40.07 13.64
CA PRO A 269 -26.22 41.11 12.65
C PRO A 269 -24.87 41.82 12.73
N PHE A 270 -24.42 42.30 11.56
CA PHE A 270 -23.15 43.00 11.40
C PHE A 270 -22.06 42.44 12.28
N THR A 271 -21.98 41.12 12.32
CA THR A 271 -20.98 40.41 13.13
C THR A 271 -20.06 39.61 12.23
N GLU A 272 -18.78 39.53 12.59
CA GLU A 272 -17.83 38.76 11.77
C GLU A 272 -17.73 37.31 12.24
N TYR A 273 -17.79 36.39 11.29
CA TYR A 273 -17.72 34.96 11.58
C TYR A 273 -16.57 34.25 10.86
N VAL A 274 -15.99 33.28 11.54
CA VAL A 274 -14.90 32.50 10.98
C VAL A 274 -15.41 31.06 10.81
N PHE A 275 -15.09 30.45 9.67
CA PHE A 275 -15.54 29.10 9.42
C PHE A 275 -14.41 28.15 9.08
N ARG A 276 -14.63 26.88 9.36
CA ARG A 276 -13.66 25.85 9.03
C ARG A 276 -14.45 24.59 8.82
N ILE A 277 -14.03 23.77 7.86
CA ILE A 277 -14.77 22.56 7.56
C ILE A 277 -13.86 21.36 7.31
N ARG A 278 -14.42 20.17 7.52
CA ARG A 278 -13.69 18.94 7.29
C ARG A 278 -14.67 17.88 6.80
N CYS A 279 -14.14 16.85 6.15
CA CYS A 279 -14.98 15.80 5.59
C CYS A 279 -14.33 14.43 5.71
N MET A 280 -15.16 13.40 5.57
CA MET A 280 -14.72 12.02 5.61
C MET A 280 -15.83 11.20 4.98
N LYS A 281 -15.59 9.92 4.76
CA LYS A 281 -16.59 9.05 4.16
C LYS A 281 -17.87 9.20 4.98
N GLU A 282 -18.98 9.28 4.26
CA GLU A 282 -20.31 9.46 4.84
C GLU A 282 -20.75 8.47 5.93
N ASP A 283 -20.32 7.22 5.85
CA ASP A 283 -20.71 6.24 6.86
C ASP A 283 -19.84 6.27 8.11
N GLY A 284 -18.96 7.25 8.19
CA GLY A 284 -18.10 7.37 9.35
C GLY A 284 -16.97 6.34 9.39
N LYS A 285 -16.84 5.56 8.32
CA LYS A 285 -15.78 4.56 8.23
C LYS A 285 -14.59 5.11 7.45
N GLY A 286 -13.54 5.50 8.17
CA GLY A 286 -12.36 6.07 7.57
C GLY A 286 -11.84 7.15 8.50
N TYR A 287 -11.09 8.11 7.98
CA TYR A 287 -10.55 9.18 8.83
C TYR A 287 -10.97 10.59 8.44
N TRP A 288 -11.24 11.41 9.47
CA TRP A 288 -11.61 12.79 9.26
C TRP A 288 -10.42 13.52 8.66
N SER A 289 -10.69 14.38 7.69
CA SER A 289 -9.60 15.12 7.07
C SER A 289 -9.21 16.19 8.08
N ASP A 290 -8.13 16.90 7.80
CA ASP A 290 -7.72 17.98 8.68
C ASP A 290 -8.72 19.08 8.39
N TRP A 291 -8.72 20.13 9.21
CA TRP A 291 -9.60 21.25 8.99
C TRP A 291 -9.09 22.02 7.79
N SER A 292 -10.03 22.53 7.00
CA SER A 292 -9.70 23.34 5.83
C SER A 292 -9.10 24.63 6.35
N GLU A 293 -8.72 25.51 5.43
CA GLU A 293 -8.19 26.80 5.82
C GLU A 293 -9.42 27.50 6.38
N GLU A 294 -9.23 28.37 7.37
CA GLU A 294 -10.35 29.09 7.95
C GLU A 294 -10.83 30.14 6.95
N ALA A 295 -12.11 30.46 6.99
CA ALA A 295 -12.67 31.46 6.09
C ALA A 295 -13.52 32.44 6.88
N SER A 296 -13.44 33.72 6.52
CA SER A 296 -14.19 34.73 7.22
C SER A 296 -15.21 35.46 6.36
N GLY A 297 -16.25 35.95 7.03
CA GLY A 297 -17.30 36.69 6.38
C GLY A 297 -18.00 37.51 7.45
N ILE A 298 -18.76 38.51 7.04
CA ILE A 298 -19.48 39.36 7.98
C ILE A 298 -20.92 39.51 7.53
N THR A 299 -21.87 39.40 8.46
CA THR A 299 -23.28 39.55 8.12
C THR A 299 -23.58 41.03 7.87
N TYR A 300 -24.68 41.34 7.18
CA TYR A 300 -25.06 42.72 6.92
C TYR A 300 -25.59 43.31 8.23
N GLU A 301 -25.74 44.63 8.26
CA GLU A 301 -26.31 45.31 9.44
C GLU A 301 -27.80 44.95 9.37
N ASP A 302 -28.48 44.94 10.51
CA ASP A 302 -29.91 44.60 10.55
C ASP A 302 -30.78 45.62 9.81
N GLU B 6 -21.70 -16.22 -4.45
CA GLU B 6 -21.63 -14.88 -3.81
C GLU B 6 -21.24 -13.80 -4.82
N PHE B 7 -22.07 -13.64 -5.85
CA PHE B 7 -21.83 -12.65 -6.90
C PHE B 7 -22.10 -11.23 -6.38
N GLU B 8 -21.04 -10.47 -6.14
CA GLU B 8 -21.21 -9.11 -5.63
C GLU B 8 -21.39 -8.06 -6.71
N LYS B 9 -22.59 -8.02 -7.29
CA LYS B 9 -22.89 -7.06 -8.34
C LYS B 9 -22.77 -5.60 -7.91
N ASP B 10 -23.30 -5.26 -6.75
CA ASP B 10 -23.21 -3.88 -6.28
C ASP B 10 -21.78 -3.39 -6.25
N LEU B 11 -20.90 -4.23 -5.70
CA LEU B 11 -19.49 -3.88 -5.61
C LEU B 11 -18.87 -3.76 -7.01
N LEU B 12 -19.25 -4.66 -7.91
CA LEU B 12 -18.70 -4.59 -9.26
C LEU B 12 -19.17 -3.30 -9.91
N ILE B 13 -20.39 -2.87 -9.57
CA ILE B 13 -20.93 -1.64 -10.12
C ILE B 13 -20.17 -0.42 -9.60
N GLN B 14 -19.75 -0.45 -8.34
CA GLN B 14 -18.99 0.67 -7.78
C GLN B 14 -17.67 0.79 -8.55
N ARG B 15 -17.13 -0.36 -8.98
CA ARG B 15 -15.88 -0.35 -9.72
C ARG B 15 -16.10 0.19 -11.12
N LEU B 16 -17.21 -0.20 -11.73
CA LEU B 16 -17.52 0.27 -13.06
C LEU B 16 -17.74 1.79 -13.05
N ASN B 17 -18.40 2.31 -12.03
CA ASN B 17 -18.63 3.75 -11.96
C ASN B 17 -17.37 4.53 -11.66
N TRP B 18 -16.49 3.94 -10.87
CA TRP B 18 -15.23 4.60 -10.57
C TRP B 18 -14.51 4.64 -11.92
N MET B 19 -14.48 3.49 -12.59
CA MET B 19 -13.83 3.41 -13.90
C MET B 19 -14.44 4.40 -14.89
N LEU B 20 -15.76 4.49 -14.91
CA LEU B 20 -16.41 5.43 -15.82
C LEU B 20 -15.93 6.84 -15.46
N TRP B 21 -15.85 7.15 -14.17
CA TRP B 21 -15.40 8.46 -13.72
C TRP B 21 -14.02 8.80 -14.28
N VAL B 22 -13.05 7.91 -14.09
CA VAL B 22 -11.69 8.14 -14.61
C VAL B 22 -11.72 8.31 -16.12
N ILE B 23 -12.52 7.48 -16.79
CA ILE B 23 -12.66 7.54 -18.24
C ILE B 23 -13.09 8.95 -18.62
N ASP B 24 -14.16 9.41 -17.99
CA ASP B 24 -14.66 10.73 -18.28
C ASP B 24 -13.60 11.79 -18.04
N GLU B 25 -12.82 11.64 -16.98
CA GLU B 25 -11.78 12.60 -16.69
C GLU B 25 -10.69 12.64 -17.75
N CYS B 26 -10.45 11.51 -18.40
CA CYS B 26 -9.44 11.47 -19.45
C CYS B 26 -9.97 12.20 -20.68
N PHE B 27 -11.24 12.00 -21.00
CA PHE B 27 -11.85 12.67 -22.16
C PHE B 27 -11.73 14.18 -21.92
N ARG B 28 -12.17 14.62 -20.75
CA ARG B 28 -12.12 16.05 -20.43
C ARG B 28 -10.69 16.55 -20.51
N ASP B 29 -9.76 15.80 -19.92
CA ASP B 29 -8.36 16.22 -19.96
C ASP B 29 -7.84 16.25 -21.40
N LEU B 30 -8.16 15.23 -22.18
CA LEU B 30 -7.72 15.16 -23.57
C LEU B 30 -8.33 16.32 -24.34
N CYS B 31 -9.62 16.57 -24.13
CA CYS B 31 -10.30 17.66 -24.81
C CYS B 31 -9.67 19.00 -24.45
N TYR B 32 -9.33 19.16 -23.17
CA TYR B 32 -8.74 20.41 -22.73
C TYR B 32 -7.36 20.71 -23.30
N ARG B 33 -6.42 19.78 -23.18
CA ARG B 33 -5.07 20.03 -23.70
C ARG B 33 -4.97 19.85 -25.19
N THR B 34 -5.90 19.11 -25.76
CA THR B 34 -5.82 18.77 -27.15
C THR B 34 -6.83 19.32 -28.16
N GLY B 35 -8.04 19.61 -27.72
CA GLY B 35 -9.03 20.10 -28.65
C GLY B 35 -9.87 18.94 -29.17
N ILE B 36 -9.34 17.73 -29.08
CA ILE B 36 -10.06 16.55 -29.53
C ILE B 36 -11.15 16.25 -28.51
N CYS B 37 -12.35 16.68 -28.83
CA CYS B 37 -13.49 16.52 -27.94
C CYS B 37 -14.63 15.67 -28.50
N LYS B 38 -15.22 14.90 -27.60
CA LYS B 38 -16.34 14.02 -27.90
C LYS B 38 -17.43 14.80 -28.65
N GLY B 39 -17.72 14.39 -29.87
CA GLY B 39 -18.76 15.04 -30.66
C GLY B 39 -18.65 16.51 -31.05
N ILE B 40 -17.48 17.11 -30.91
CA ILE B 40 -17.31 18.51 -31.28
C ILE B 40 -16.18 18.63 -32.28
N LEU B 41 -15.19 17.76 -32.12
CA LEU B 41 -14.04 17.76 -32.99
C LEU B 41 -13.34 16.44 -32.77
N GLU B 42 -13.76 15.45 -33.52
CA GLU B 42 -13.18 14.14 -33.39
C GLU B 42 -12.09 14.00 -34.43
N PRO B 43 -11.22 13.01 -34.26
CA PRO B 43 -10.14 12.81 -35.21
C PRO B 43 -10.56 12.39 -36.61
N ALA B 44 -9.78 12.81 -37.59
CA ALA B 44 -10.00 12.44 -38.97
C ALA B 44 -8.93 11.38 -39.10
N ALA B 45 -9.28 10.16 -38.75
CA ALA B 45 -8.32 9.08 -38.82
C ALA B 45 -8.97 7.74 -39.00
N ILE B 46 -8.18 6.77 -39.45
CA ILE B 46 -8.68 5.44 -39.68
C ILE B 46 -8.67 4.56 -38.44
N PHE B 47 -9.87 4.26 -37.99
CA PHE B 47 -10.15 3.39 -36.86
C PHE B 47 -9.51 2.09 -37.37
N HIS B 48 -8.59 1.48 -36.63
CA HIS B 48 -7.98 0.27 -37.19
C HIS B 48 -7.56 -0.81 -36.21
N LEU B 49 -8.20 -0.84 -35.05
CA LEU B 49 -7.86 -1.84 -34.05
C LEU B 49 -9.13 -2.38 -33.41
N LYS B 50 -9.17 -3.70 -33.28
CA LYS B 50 -10.30 -4.39 -32.66
C LYS B 50 -10.37 -3.91 -31.21
N LEU B 51 -11.53 -3.44 -30.76
CA LEU B 51 -11.64 -3.03 -29.37
C LEU B 51 -12.85 -3.74 -28.79
N PRO B 52 -12.76 -4.23 -27.54
CA PRO B 52 -13.96 -4.91 -27.04
C PRO B 52 -15.24 -4.12 -27.21
N ALA B 53 -16.29 -4.83 -27.58
CA ALA B 53 -17.60 -4.22 -27.81
C ALA B 53 -18.68 -5.29 -27.77
N ILE B 54 -19.78 -4.99 -27.07
CA ILE B 54 -20.89 -5.91 -26.96
C ILE B 54 -21.59 -6.05 -28.31
N ASN B 55 -21.76 -7.29 -28.78
CA ASN B 55 -22.46 -7.56 -30.04
C ASN B 55 -23.84 -8.09 -29.68
N ASP B 56 -24.64 -8.38 -30.69
CA ASP B 56 -25.95 -8.95 -30.45
C ASP B 56 -25.69 -10.44 -30.27
N THR B 57 -24.55 -10.88 -30.78
CA THR B 57 -24.14 -12.28 -30.69
C THR B 57 -23.81 -12.59 -29.23
N ASP B 58 -23.65 -11.55 -28.42
CA ASP B 58 -23.34 -11.72 -27.02
C ASP B 58 -24.64 -11.76 -26.22
N HIS B 59 -25.75 -11.51 -26.91
CA HIS B 59 -27.09 -11.53 -26.30
C HIS B 59 -27.05 -10.88 -24.93
N CYS B 60 -26.85 -9.57 -24.91
CA CYS B 60 -26.79 -8.90 -23.64
C CYS B 60 -27.89 -7.89 -23.33
N GLY B 61 -28.77 -7.65 -24.30
CA GLY B 61 -29.86 -6.73 -24.08
C GLY B 61 -31.02 -7.45 -23.40
N LEU B 62 -32.05 -6.69 -23.04
CA LEU B 62 -33.22 -7.25 -22.36
C LEU B 62 -33.92 -8.41 -23.09
N ILE B 63 -33.91 -8.39 -24.41
CA ILE B 63 -34.56 -9.45 -25.17
C ILE B 63 -33.53 -10.45 -25.71
N GLY B 64 -33.64 -11.70 -25.25
CA GLY B 64 -32.73 -12.74 -25.69
C GLY B 64 -31.50 -12.83 -24.80
N PHE B 65 -31.58 -12.18 -23.64
CA PHE B 65 -30.51 -12.14 -22.66
C PHE B 65 -30.19 -13.51 -22.07
N ASN B 66 -29.00 -13.62 -21.48
CA ASN B 66 -28.55 -14.87 -20.87
C ASN B 66 -27.14 -14.67 -20.34
N GLU B 67 -27.00 -14.71 -19.02
CA GLU B 67 -25.70 -14.53 -18.39
C GLU B 67 -24.58 -15.24 -19.12
N THR B 68 -24.82 -16.50 -19.48
CA THR B 68 -23.84 -17.32 -20.17
C THR B 68 -23.02 -16.55 -21.21
N SER B 69 -23.65 -16.28 -22.34
CA SER B 69 -23.04 -15.57 -23.45
C SER B 69 -22.54 -14.18 -23.10
N CYS B 70 -23.32 -13.42 -22.33
CA CYS B 70 -22.90 -12.07 -22.01
C CYS B 70 -21.76 -11.92 -21.02
N LEU B 71 -21.85 -12.56 -19.86
CA LEU B 71 -20.78 -12.45 -18.89
C LEU B 71 -19.47 -12.81 -19.57
N LYS B 72 -19.54 -13.76 -20.50
CA LYS B 72 -18.36 -14.21 -21.23
C LYS B 72 -17.71 -13.02 -21.93
N LYS B 73 -18.54 -12.17 -22.54
CA LYS B 73 -18.04 -11.00 -23.25
C LYS B 73 -17.51 -9.94 -22.29
N LEU B 74 -18.28 -9.68 -21.23
CA LEU B 74 -17.86 -8.68 -20.24
C LEU B 74 -16.49 -9.06 -19.65
N ALA B 75 -16.35 -10.31 -19.24
CA ALA B 75 -15.09 -10.77 -18.67
C ALA B 75 -13.97 -10.66 -19.68
N ASP B 76 -14.19 -11.18 -20.89
CA ASP B 76 -13.15 -11.11 -21.92
C ASP B 76 -12.72 -9.68 -22.17
N GLY B 77 -13.69 -8.79 -22.31
CA GLY B 77 -13.39 -7.40 -22.57
C GLY B 77 -12.60 -6.77 -21.44
N PHE B 78 -13.04 -6.99 -20.22
CA PHE B 78 -12.34 -6.40 -19.09
C PHE B 78 -10.89 -6.86 -18.98
N PHE B 79 -10.61 -8.09 -19.42
CA PHE B 79 -9.22 -8.55 -19.39
C PHE B 79 -8.49 -7.85 -20.51
N GLU B 80 -9.16 -7.67 -21.64
CA GLU B 80 -8.55 -7.01 -22.78
C GLU B 80 -8.26 -5.55 -22.48
N PHE B 81 -8.96 -4.99 -21.50
CA PHE B 81 -8.76 -3.59 -21.15
C PHE B 81 -7.45 -3.29 -20.43
N GLU B 82 -6.85 -4.29 -19.78
CA GLU B 82 -5.63 -3.98 -19.07
C GLU B 82 -4.55 -3.42 -19.99
N VAL B 83 -4.35 -4.04 -21.16
CA VAL B 83 -3.34 -3.54 -22.08
C VAL B 83 -3.66 -2.09 -22.48
N LEU B 84 -4.93 -1.80 -22.69
CA LEU B 84 -5.36 -0.46 -23.08
C LEU B 84 -5.11 0.53 -21.95
N PHE B 85 -5.46 0.15 -20.73
CA PHE B 85 -5.26 1.03 -19.60
C PHE B 85 -3.77 1.32 -19.36
N LYS B 86 -2.90 0.40 -19.78
CA LYS B 86 -1.46 0.64 -19.63
C LYS B 86 -1.08 1.74 -20.61
N PHE B 87 -1.62 1.68 -21.81
CA PHE B 87 -1.34 2.69 -22.81
C PHE B 87 -1.88 4.02 -22.27
N LEU B 88 -3.08 3.97 -21.69
CA LEU B 88 -3.71 5.16 -21.15
C LEU B 88 -2.93 5.76 -19.98
N THR B 89 -2.38 4.89 -19.12
CA THR B 89 -1.60 5.37 -17.97
C THR B 89 -0.43 6.21 -18.47
N THR B 90 0.21 5.76 -19.54
CA THR B 90 1.32 6.51 -20.11
C THR B 90 0.83 7.87 -20.61
N GLU B 91 -0.35 7.89 -21.21
CA GLU B 91 -0.90 9.12 -21.76
C GLU B 91 -1.54 10.08 -20.76
N PHE B 92 -2.20 9.57 -19.74
CA PHE B 92 -2.89 10.43 -18.77
C PHE B 92 -2.39 10.36 -17.35
N GLY B 93 -1.53 9.39 -17.06
CA GLY B 93 -1.01 9.21 -15.72
C GLY B 93 -0.56 10.48 -15.00
N LYS B 94 0.02 11.42 -15.75
CA LYS B 94 0.50 12.64 -15.16
C LYS B 94 -0.58 13.71 -14.95
N SER B 95 -1.74 13.53 -15.57
CA SER B 95 -2.80 14.52 -15.44
C SER B 95 -4.14 14.05 -14.89
N VAL B 96 -4.33 12.75 -14.74
CA VAL B 96 -5.61 12.24 -14.24
C VAL B 96 -5.43 11.30 -13.06
N ILE B 97 -6.06 11.66 -11.94
CA ILE B 97 -5.95 10.84 -10.75
C ILE B 97 -6.51 9.44 -10.97
N ASN B 98 -5.76 8.46 -10.48
CA ASN B 98 -6.14 7.06 -10.54
C ASN B 98 -6.21 6.33 -11.89
N VAL B 99 -5.68 6.90 -12.96
CA VAL B 99 -5.72 6.16 -14.22
C VAL B 99 -4.79 4.97 -14.03
N ASP B 100 -3.72 5.19 -13.27
CA ASP B 100 -2.72 4.17 -13.00
C ASP B 100 -3.20 2.89 -12.35
N VAL B 101 -4.38 2.89 -11.74
CA VAL B 101 -4.86 1.66 -11.13
C VAL B 101 -5.99 1.00 -11.90
N MET B 102 -6.36 1.58 -13.03
CA MET B 102 -7.43 1.00 -13.84
C MET B 102 -7.02 -0.35 -14.43
N GLU B 103 -5.74 -0.54 -14.72
CA GLU B 103 -5.32 -1.83 -15.28
C GLU B 103 -5.50 -2.95 -14.27
N LEU B 104 -5.57 -2.60 -12.98
CA LEU B 104 -5.77 -3.60 -11.94
C LEU B 104 -7.25 -3.77 -11.69
N LEU B 105 -7.98 -2.66 -11.66
CA LEU B 105 -9.42 -2.67 -11.43
C LEU B 105 -10.09 -3.55 -12.48
N THR B 106 -9.76 -3.32 -13.74
CA THR B 106 -10.37 -4.06 -14.82
C THR B 106 -10.07 -5.57 -14.76
N LYS B 107 -8.89 -5.92 -14.24
CA LYS B 107 -8.49 -7.32 -14.11
C LYS B 107 -9.42 -7.92 -13.05
N THR B 108 -9.76 -7.08 -12.11
CA THR B 108 -10.63 -7.41 -11.00
C THR B 108 -12.06 -7.71 -11.48
N LEU B 109 -12.53 -6.94 -12.46
CA LEU B 109 -13.88 -7.14 -12.98
C LEU B 109 -13.89 -8.44 -13.80
N GLY B 110 -12.82 -8.67 -14.55
CA GLY B 110 -12.71 -9.88 -15.33
C GLY B 110 -12.71 -11.07 -14.39
N TRP B 111 -11.82 -11.07 -13.39
CA TRP B 111 -11.75 -12.17 -12.44
C TRP B 111 -13.10 -12.48 -11.80
N ASP B 112 -13.70 -11.50 -11.14
CA ASP B 112 -14.98 -11.73 -10.48
C ASP B 112 -16.08 -12.18 -11.44
N ILE B 113 -16.08 -11.65 -12.65
CA ILE B 113 -17.09 -12.03 -13.62
C ILE B 113 -16.74 -13.42 -14.15
N GLN B 114 -15.46 -13.66 -14.36
CA GLN B 114 -14.99 -14.95 -14.83
C GLN B 114 -15.29 -16.02 -13.79
N GLU B 115 -15.52 -15.62 -12.55
CA GLU B 115 -15.83 -16.57 -11.50
C GLU B 115 -17.29 -16.99 -11.62
N GLU B 116 -18.14 -16.06 -12.06
CA GLU B 116 -19.55 -16.37 -12.24
C GLU B 116 -19.73 -17.35 -13.38
N LEU B 117 -19.08 -17.08 -14.50
CA LEU B 117 -19.18 -17.96 -15.65
C LEU B 117 -18.95 -19.41 -15.27
N ASN B 118 -17.77 -19.70 -14.76
CA ASN B 118 -17.43 -21.06 -14.38
C ASN B 118 -18.48 -21.68 -13.46
N LYS B 119 -19.16 -20.83 -12.70
CA LYS B 119 -20.21 -21.29 -11.79
C LYS B 119 -21.51 -21.51 -12.56
N LEU B 120 -21.68 -20.73 -13.62
CA LEU B 120 -22.88 -20.77 -14.47
C LEU B 120 -22.79 -21.87 -15.52
N THR B 121 -21.59 -22.20 -15.96
CA THR B 121 -21.38 -23.24 -16.97
C THR B 121 -20.48 -24.34 -16.41
N LYS B 122 -19.97 -25.15 -17.31
CA LYS B 122 -19.06 -26.23 -17.00
C LYS B 122 -17.88 -26.00 -17.94
N THR B 123 -18.13 -25.25 -19.00
CA THR B 123 -17.07 -24.92 -19.94
C THR B 123 -16.15 -24.14 -19.02
N HIS B 124 -14.93 -24.60 -18.82
CA HIS B 124 -14.05 -23.86 -17.93
C HIS B 124 -13.34 -22.74 -18.69
N TYR B 125 -13.49 -21.51 -18.20
CA TYR B 125 -12.90 -20.36 -18.85
C TYR B 125 -11.59 -19.86 -18.28
N SER B 126 -10.75 -19.38 -19.18
CA SER B 126 -9.45 -18.86 -18.83
C SER B 126 -9.29 -17.41 -19.27
N PRO B 127 -8.90 -16.53 -18.33
CA PRO B 127 -8.72 -15.12 -18.69
C PRO B 127 -7.69 -15.06 -19.83
N PRO B 128 -8.08 -14.44 -20.97
CA PRO B 128 -7.19 -14.32 -22.13
C PRO B 128 -5.73 -13.93 -21.89
N LYS B 129 -4.93 -13.99 -22.94
CA LYS B 129 -3.50 -13.67 -22.89
C LYS B 129 -3.22 -12.18 -22.92
N PHE B 130 -2.43 -11.69 -21.97
CA PHE B 130 -2.08 -10.28 -21.96
C PHE B 130 -1.27 -10.05 -23.23
N ASP B 131 -1.84 -9.32 -24.19
CA ASP B 131 -1.19 -9.08 -25.46
C ASP B 131 -0.03 -8.07 -25.46
N ARG B 132 1.17 -8.56 -25.21
CA ARG B 132 2.37 -7.72 -25.19
C ARG B 132 2.61 -7.14 -26.57
N GLY B 133 2.25 -7.90 -27.60
CA GLY B 133 2.44 -7.44 -28.97
C GLY B 133 1.64 -6.19 -29.22
N LEU B 134 0.40 -6.19 -28.74
CA LEU B 134 -0.48 -5.05 -28.90
C LEU B 134 0.10 -3.87 -28.13
N LEU B 135 0.38 -4.09 -26.84
CA LEU B 135 0.93 -3.02 -26.03
C LEU B 135 2.10 -2.41 -26.79
N GLY B 136 2.97 -3.27 -27.29
CA GLY B 136 4.14 -2.82 -28.03
C GLY B 136 3.82 -1.95 -29.24
N ARG B 137 2.74 -2.28 -29.94
CA ARG B 137 2.33 -1.51 -31.12
C ARG B 137 1.69 -0.20 -30.67
N LEU B 138 0.86 -0.31 -29.63
CA LEU B 138 0.15 0.84 -29.08
C LEU B 138 1.16 1.84 -28.52
N GLN B 139 2.07 1.34 -27.69
CA GLN B 139 3.07 2.20 -27.08
C GLN B 139 4.08 2.63 -28.13
N GLY B 140 3.93 2.10 -29.34
CA GLY B 140 4.84 2.44 -30.43
C GLY B 140 4.38 3.64 -31.26
N LEU B 141 3.11 3.99 -31.13
CA LEU B 141 2.61 5.14 -31.87
C LEU B 141 3.44 6.31 -31.38
N LYS B 142 3.64 7.30 -32.24
CA LYS B 142 4.44 8.45 -31.86
C LYS B 142 3.73 9.78 -32.16
N TYR B 143 3.97 10.75 -31.29
CA TYR B 143 3.40 12.09 -31.40
C TYR B 143 1.87 12.20 -31.42
N TRP B 144 1.32 13.20 -32.12
CA TRP B 144 -0.12 13.44 -32.15
C TRP B 144 -1.05 12.24 -32.21
N VAL B 145 -0.79 11.34 -33.15
CA VAL B 145 -1.63 10.16 -33.32
C VAL B 145 -1.89 9.37 -32.03
N ARG B 146 -1.07 9.54 -31.00
CA ARG B 146 -1.30 8.80 -29.76
C ARG B 146 -2.60 9.30 -29.12
N HIS B 147 -2.96 10.56 -29.35
CA HIS B 147 -4.20 11.09 -28.79
C HIS B 147 -5.38 10.44 -29.46
N PHE B 148 -5.22 10.12 -30.75
CA PHE B 148 -6.30 9.46 -31.48
C PHE B 148 -6.54 8.13 -30.82
N ALA B 149 -5.47 7.37 -30.61
CA ALA B 149 -5.62 6.07 -29.95
C ALA B 149 -6.33 6.30 -28.63
N SER B 150 -5.90 7.31 -27.87
CA SER B 150 -6.53 7.61 -26.59
C SER B 150 -8.02 7.82 -26.76
N PHE B 151 -8.39 8.62 -27.76
CA PHE B 151 -9.79 8.91 -28.01
C PHE B 151 -10.62 7.67 -28.31
N TYR B 152 -10.13 6.84 -29.22
CA TYR B 152 -10.85 5.61 -29.60
C TYR B 152 -10.95 4.61 -28.47
N VAL B 153 -9.85 4.44 -27.76
CA VAL B 153 -9.79 3.52 -26.64
C VAL B 153 -10.80 3.99 -25.58
N LEU B 154 -10.74 5.27 -25.26
CA LEU B 154 -11.67 5.82 -24.27
C LEU B 154 -13.11 5.63 -24.70
N SER B 155 -13.39 5.89 -25.98
CA SER B 155 -14.75 5.72 -26.49
C SER B 155 -15.22 4.28 -26.32
N ALA B 156 -14.39 3.32 -26.72
CA ALA B 156 -14.75 1.91 -26.61
C ALA B 156 -14.97 1.51 -25.16
N MET B 157 -14.11 2.01 -24.26
CA MET B 157 -14.27 1.67 -22.85
C MET B 157 -15.51 2.30 -22.25
N GLU B 158 -15.81 3.53 -22.64
CA GLU B 158 -16.99 4.19 -22.09
C GLU B 158 -18.23 3.38 -22.42
N LYS B 159 -18.39 3.03 -23.69
CA LYS B 159 -19.55 2.26 -24.12
C LYS B 159 -19.67 0.92 -23.39
N PHE B 160 -18.59 0.16 -23.42
CA PHE B 160 -18.55 -1.16 -22.79
C PHE B 160 -18.89 -1.08 -21.30
N ALA B 161 -18.08 -0.34 -20.55
CA ALA B 161 -18.29 -0.20 -19.12
C ALA B 161 -19.71 0.27 -18.82
N GLY B 162 -20.20 1.19 -19.64
CA GLY B 162 -21.56 1.69 -19.44
C GLY B 162 -22.54 0.56 -19.61
N GLN B 163 -22.29 -0.30 -20.59
CA GLN B 163 -23.17 -1.43 -20.83
C GLN B 163 -23.05 -2.46 -19.71
N ALA B 164 -21.84 -2.66 -19.21
CA ALA B 164 -21.65 -3.61 -18.13
C ALA B 164 -22.52 -3.23 -16.94
N VAL B 165 -22.55 -1.95 -16.60
CA VAL B 165 -23.37 -1.49 -15.48
C VAL B 165 -24.83 -1.85 -15.74
N ARG B 166 -25.26 -1.69 -16.98
CA ARG B 166 -26.63 -2.00 -17.37
C ARG B 166 -26.88 -3.48 -17.16
N VAL B 167 -25.99 -4.29 -17.72
CA VAL B 167 -26.09 -5.74 -17.63
C VAL B 167 -26.16 -6.21 -16.18
N LEU B 168 -25.23 -5.73 -15.35
CA LEU B 168 -25.21 -6.14 -13.95
C LEU B 168 -26.42 -5.68 -13.16
N ASP B 169 -26.95 -4.51 -13.49
CA ASP B 169 -28.12 -4.04 -12.75
C ASP B 169 -29.37 -4.81 -13.16
N SER B 170 -29.33 -5.44 -14.34
CA SER B 170 -30.49 -6.19 -14.82
C SER B 170 -30.50 -7.69 -14.53
N ILE B 171 -29.44 -8.21 -13.89
CA ILE B 171 -29.43 -9.62 -13.55
C ILE B 171 -30.02 -9.67 -12.14
N PRO B 172 -31.08 -10.48 -11.95
CA PRO B 172 -31.74 -10.61 -10.65
C PRO B 172 -30.89 -11.19 -9.51
#